data_4YP1
#
_entry.id   4YP1
#
_cell.length_a   45.427
_cell.length_b   48.208
_cell.length_c   172.420
_cell.angle_alpha   90.00
_cell.angle_beta   90.00
_cell.angle_gamma   90.00
#
_symmetry.space_group_name_H-M   'P 2 21 21'
#
loop_
_entity.id
_entity.type
_entity.pdbx_description
1 polymer 'Stimulator of interferon genes protein'
2 non-polymer "(2R,3R,3aS,5R,7aR,9R,10R,10aS,12R,14aR)-2,9-bis(6-amino-9H-purin-9-yl)octahydro-2H,7H-difuro[3,2-d:3',2'-j][1,3,7,9,2,8 ]tetraoxadiphosphacyclododecine-3,5,10,12-tetrol 5,12-dioxide"
3 water water
#
_entity_poly.entity_id   1
_entity_poly.type   'polypeptide(L)'
_entity_poly.pdbx_seq_one_letter_code
;SNALTPAEVSAVCEEKKLNVAHGLAWSYYIGYLRLILPGLQARIRMFNQLHNNMLSGAGSRRLYILFPLDCGVPDNLSVV
DPNIRFRDMLPQQNIDRAGIKNRVYSNSVYEILENGQPAGVCILEYATPLQTLFAMSQDAKAGFSREDRLEQAKLFCRTL
EEILEDVPESRNNCRLIVYQEPTDGNSFSLSQEVLRHIRQEEKEEVTMNA
;
_entity_poly.pdbx_strand_id   A,B
#
# COMPACT_ATOMS: atom_id res chain seq x y z
N ASN A 19 -16.48 7.86 -6.94
CA ASN A 19 -15.48 8.92 -7.05
C ASN A 19 -14.08 8.45 -6.71
N VAL A 20 -13.17 8.52 -7.67
CA VAL A 20 -11.78 8.06 -7.51
C VAL A 20 -11.14 8.58 -6.21
N ALA A 21 -11.28 9.89 -5.98
CA ALA A 21 -10.66 10.54 -4.84
C ALA A 21 -11.10 9.96 -3.49
N HIS A 22 -12.38 9.59 -3.39
CA HIS A 22 -12.92 9.02 -2.17
C HIS A 22 -12.29 7.66 -1.93
N GLY A 23 -12.11 6.91 -3.02
CA GLY A 23 -11.41 5.65 -2.94
C GLY A 23 -9.97 5.85 -2.54
N LEU A 24 -9.28 6.80 -3.17
CA LEU A 24 -7.90 7.13 -2.80
C LEU A 24 -7.78 7.55 -1.35
N ALA A 25 -8.76 8.33 -0.87
CA ALA A 25 -8.71 8.85 0.49
C ALA A 25 -8.98 7.74 1.48
N TRP A 26 -9.95 6.90 1.16
CA TRP A 26 -10.30 5.80 2.06
C TRP A 26 -9.21 4.75 2.05
N SER A 27 -8.51 4.63 0.93
CA SER A 27 -7.39 3.72 0.77
C SER A 27 -6.25 4.15 1.68
N TYR A 28 -5.97 5.45 1.65
CA TYR A 28 -4.88 6.01 2.45
C TYR A 28 -5.15 5.84 3.93
N TYR A 29 -6.39 6.14 4.33
CA TYR A 29 -6.72 5.96 5.74
C TYR A 29 -6.71 4.47 6.13
N ILE A 30 -7.50 3.68 5.44
CA ILE A 30 -7.76 2.30 5.84
C ILE A 30 -6.52 1.42 5.71
N GLY A 31 -5.82 1.56 4.59
CA GLY A 31 -4.72 0.68 4.27
C GLY A 31 -3.41 1.22 4.81
N TYR A 32 -3.48 2.31 5.57
CA TYR A 32 -2.25 2.94 6.02
C TYR A 32 -2.33 3.76 7.31
N LEU A 33 -3.05 4.88 7.28
CA LEU A 33 -3.07 5.73 8.47
C LEU A 33 -3.65 5.02 9.68
N ARG A 34 -4.84 4.43 9.51
CA ARG A 34 -5.55 3.80 10.61
C ARG A 34 -4.65 2.80 11.31
N LEU A 35 -3.71 2.23 10.56
CA LEU A 35 -2.78 1.22 11.06
C LEU A 35 -1.60 1.86 11.72
N ILE A 36 -1.03 2.83 11.01
CA ILE A 36 0.26 3.41 11.34
C ILE A 36 0.16 4.35 12.54
N LEU A 37 -0.95 5.08 12.62
CA LEU A 37 -1.12 6.19 13.57
C LEU A 37 -1.28 5.89 15.07
N PRO A 38 -1.96 4.79 15.41
CA PRO A 38 -2.04 4.46 16.84
C PRO A 38 -0.69 4.28 17.54
N GLY A 39 0.31 3.76 16.84
CA GLY A 39 1.56 3.37 17.47
C GLY A 39 2.79 4.18 17.09
N LEU A 40 2.55 5.33 16.45
CA LEU A 40 3.61 6.25 16.09
C LEU A 40 4.46 6.70 17.29
N GLN A 41 3.83 7.27 18.32
CA GLN A 41 4.53 7.74 19.51
C GLN A 41 5.34 6.63 20.18
N ALA A 42 4.86 5.40 20.07
CA ALA A 42 5.59 4.27 20.60
C ALA A 42 6.90 4.13 19.83
N ARG A 43 6.82 4.12 18.52
CA ARG A 43 8.03 3.98 17.69
C ARG A 43 8.96 5.18 17.78
N ILE A 44 8.49 6.25 18.41
CA ILE A 44 9.24 7.50 18.52
C ILE A 44 9.98 7.56 19.84
N ARG A 45 9.32 7.15 20.93
CA ARG A 45 10.00 6.95 22.21
C ARG A 45 11.20 6.03 22.03
N MET A 46 11.05 5.06 21.13
CA MET A 46 12.09 4.09 20.82
C MET A 46 13.21 4.73 20.03
N PHE A 47 12.81 5.61 19.12
CA PHE A 47 13.78 6.28 18.29
C PHE A 47 14.68 7.17 19.13
N ASN A 48 14.07 7.90 20.08
CA ASN A 48 14.82 8.80 20.95
C ASN A 48 15.83 8.06 21.84
N GLN A 49 15.42 6.90 22.36
CA GLN A 49 16.31 6.09 23.16
C GLN A 49 17.44 5.60 22.26
N LEU A 50 17.12 5.35 20.99
CA LEU A 50 18.10 4.79 20.06
C LEU A 50 19.05 5.81 19.42
N HIS A 51 18.56 7.05 19.25
CA HIS A 51 19.31 8.06 18.52
C HIS A 51 19.53 9.34 19.30
N ASN A 52 19.62 9.23 20.62
CA ASN A 52 20.05 10.34 21.45
C ASN A 52 19.06 11.51 21.46
N ASN A 53 17.78 11.20 21.61
CA ASN A 53 16.73 12.20 21.81
C ASN A 53 16.65 13.27 20.73
N MET A 54 16.56 12.81 19.48
CA MET A 54 16.58 13.66 18.31
C MET A 54 15.22 14.30 18.02
N LEU A 55 14.15 13.50 18.09
CA LEU A 55 12.80 14.00 17.95
C LEU A 55 12.24 14.51 19.29
N SER A 56 13.03 15.33 19.97
CA SER A 56 12.63 15.85 21.27
C SER A 56 11.43 16.78 21.18
N GLY A 57 11.50 17.73 20.25
CA GLY A 57 10.51 18.79 20.14
C GLY A 57 9.11 18.30 19.82
N ALA A 58 8.12 19.14 20.11
CA ALA A 58 6.72 18.80 19.88
C ALA A 58 6.43 18.73 18.38
N GLY A 59 7.05 19.63 17.62
CA GLY A 59 6.91 19.62 16.18
C GLY A 59 7.61 18.42 15.55
N SER A 60 8.29 17.62 16.37
CA SER A 60 9.06 16.48 15.86
C SER A 60 8.31 15.17 16.02
N ARG A 61 7.32 15.16 16.90
CA ARG A 61 6.60 13.93 17.23
C ARG A 61 5.27 13.74 16.46
N ARG A 62 5.26 14.16 15.20
CA ARG A 62 4.15 13.91 14.29
C ARG A 62 4.63 13.42 12.93
N LEU A 63 3.71 12.88 12.14
CA LEU A 63 4.05 12.50 10.79
C LEU A 63 3.59 13.60 9.85
N TYR A 64 4.55 14.29 9.23
CA TYR A 64 4.25 15.34 8.27
C TYR A 64 4.08 14.75 6.87
N ILE A 65 2.86 14.84 6.34
CA ILE A 65 2.58 14.28 5.01
C ILE A 65 2.49 15.35 3.93
N LEU A 66 3.42 15.33 2.98
CA LEU A 66 3.40 16.25 1.86
C LEU A 66 2.33 15.93 0.81
N PHE A 67 1.54 16.94 0.44
CA PHE A 67 0.43 16.79 -0.51
C PHE A 67 0.51 17.76 -1.67
N PRO A 68 1.42 17.53 -2.62
CA PRO A 68 1.43 18.39 -3.80
C PRO A 68 0.12 18.21 -4.59
N LEU A 69 -0.64 19.29 -4.78
CA LEU A 69 -1.88 19.18 -5.55
C LEU A 69 -1.62 18.99 -7.05
N ASP A 70 -0.42 19.36 -7.48
CA ASP A 70 0.07 19.09 -8.84
C ASP A 70 0.18 17.57 -9.14
N CYS A 71 0.02 16.77 -8.09
CA CYS A 71 0.26 15.31 -8.09
C CYS A 71 1.69 14.88 -8.41
N GLY A 72 2.61 15.85 -8.56
CA GLY A 72 3.99 15.54 -8.82
C GLY A 72 4.67 15.12 -7.53
N VAL A 73 5.17 13.88 -7.50
CA VAL A 73 5.72 13.26 -6.30
C VAL A 73 7.07 12.56 -6.58
N PRO A 74 8.17 13.22 -6.23
CA PRO A 74 9.50 12.59 -6.32
C PRO A 74 9.67 11.52 -5.26
N ASP A 75 10.46 10.47 -5.56
CA ASP A 75 10.75 9.40 -4.58
C ASP A 75 11.89 9.75 -3.60
N ASN A 76 12.81 10.63 -4.02
CA ASN A 76 13.89 11.08 -3.14
C ASN A 76 13.78 12.57 -2.80
N LEU A 77 13.66 12.86 -1.52
CA LEU A 77 13.42 14.20 -1.01
C LEU A 77 14.66 15.12 -0.98
N SER A 78 15.83 14.55 -0.71
CA SER A 78 17.06 15.33 -0.64
C SER A 78 17.37 15.93 -2.02
N VAL A 79 17.18 15.14 -3.08
CA VAL A 79 17.28 15.63 -4.45
C VAL A 79 16.48 16.92 -4.70
N VAL A 80 15.23 16.91 -4.27
CA VAL A 80 14.28 17.95 -4.65
C VAL A 80 14.48 19.24 -3.88
N ASP A 81 14.91 19.11 -2.63
CA ASP A 81 15.30 20.25 -1.82
C ASP A 81 16.46 19.79 -0.98
N PRO A 82 17.68 20.14 -1.40
CA PRO A 82 18.92 19.77 -0.70
C PRO A 82 18.91 20.18 0.77
N ASN A 83 18.02 21.08 1.18
CA ASN A 83 17.89 21.40 2.59
C ASN A 83 17.21 20.33 3.44
N ILE A 84 16.64 19.33 2.78
CA ILE A 84 16.07 18.18 3.48
C ILE A 84 17.06 17.02 3.44
N ARG A 85 17.66 16.71 4.59
CA ARG A 85 18.67 15.67 4.65
C ARG A 85 18.20 14.46 5.44
N PHE A 86 18.33 13.27 4.85
CA PHE A 86 17.95 12.03 5.51
C PHE A 86 18.81 11.74 6.72
N ARG A 87 18.17 11.41 7.83
CA ARG A 87 18.91 11.00 9.02
C ARG A 87 18.80 9.50 9.26
N ASP A 88 17.60 9.05 9.58
CA ASP A 88 17.42 7.63 9.84
C ASP A 88 16.00 7.21 9.57
N MET A 89 15.72 5.93 9.75
CA MET A 89 14.36 5.42 9.71
C MET A 89 13.89 5.11 11.11
N LEU A 90 12.61 5.35 11.37
CA LEU A 90 11.97 4.85 12.59
C LEU A 90 12.12 3.34 12.65
N PRO A 91 12.00 2.76 13.85
CA PRO A 91 11.92 1.31 13.96
C PRO A 91 10.81 0.75 13.04
N GLN A 92 11.06 -0.40 12.44
CA GLN A 92 10.06 -1.01 11.57
C GLN A 92 8.85 -1.53 12.36
N GLN A 93 7.68 -1.52 11.71
CA GLN A 93 6.46 -2.07 12.28
C GLN A 93 5.89 -3.16 11.37
N ASN A 94 5.66 -4.34 11.95
CA ASN A 94 5.40 -5.56 11.18
C ASN A 94 4.05 -6.22 11.42
N ILE A 95 3.19 -6.17 10.40
CA ILE A 95 1.80 -6.62 10.53
C ILE A 95 1.45 -7.75 9.54
N ASP A 96 0.67 -8.73 9.97
CA ASP A 96 0.09 -9.67 9.03
C ASP A 96 -1.00 -8.93 8.26
N ARG A 97 -0.87 -8.90 6.94
CA ARG A 97 -1.83 -8.16 6.13
C ARG A 97 -2.28 -8.98 4.93
N ALA A 98 -3.58 -9.25 4.88
CA ALA A 98 -4.24 -9.93 3.75
C ALA A 98 -3.43 -11.08 3.16
N GLY A 99 -2.87 -11.92 4.02
CA GLY A 99 -2.11 -13.07 3.57
C GLY A 99 -0.60 -12.85 3.53
N ILE A 100 -0.18 -11.60 3.44
CA ILE A 100 1.24 -11.24 3.52
C ILE A 100 1.69 -11.20 4.98
N LYS A 101 2.52 -12.15 5.36
CA LYS A 101 3.06 -12.19 6.71
C LYS A 101 4.11 -11.10 6.89
N ASN A 102 4.03 -10.43 8.04
CA ASN A 102 4.98 -9.38 8.39
C ASN A 102 5.08 -8.31 7.31
N ARG A 103 3.95 -7.84 6.80
CA ARG A 103 4.00 -6.69 5.90
C ARG A 103 4.66 -5.59 6.69
N VAL A 104 5.64 -4.94 6.07
CA VAL A 104 6.51 -3.97 6.76
C VAL A 104 6.02 -2.56 6.53
N TYR A 105 5.88 -1.81 7.61
CA TYR A 105 5.53 -0.39 7.48
C TYR A 105 6.65 0.47 8.06
N SER A 106 7.27 1.27 7.19
CA SER A 106 8.51 1.97 7.51
C SER A 106 8.44 3.49 7.27
N ASN A 107 8.93 4.27 8.22
CA ASN A 107 9.01 5.72 8.04
C ASN A 107 10.41 6.30 8.19
N SER A 108 10.69 7.38 7.45
CA SER A 108 12.02 8.01 7.49
C SER A 108 12.07 9.33 8.25
N VAL A 109 13.20 9.57 8.93
CA VAL A 109 13.44 10.82 9.63
C VAL A 109 14.42 11.74 8.88
N TYR A 110 14.15 13.04 8.92
CA TYR A 110 14.87 14.02 8.12
C TYR A 110 15.28 15.25 8.90
N GLU A 111 16.51 15.71 8.68
CA GLU A 111 16.91 17.04 9.14
C GLU A 111 16.55 18.05 8.06
N ILE A 112 16.07 19.22 8.48
CA ILE A 112 15.78 20.30 7.56
C ILE A 112 16.81 21.40 7.80
N LEU A 113 17.32 22.00 6.72
CA LEU A 113 18.39 22.99 6.87
C LEU A 113 17.93 24.42 6.62
N GLU A 114 18.61 25.34 7.29
CA GLU A 114 18.45 26.76 7.03
C GLU A 114 19.84 27.39 7.07
N ASN A 115 20.29 27.93 5.93
CA ASN A 115 21.67 28.42 5.80
C ASN A 115 22.65 27.33 6.16
N GLY A 116 22.43 26.13 5.62
CA GLY A 116 23.33 25.01 5.87
C GLY A 116 23.40 24.55 7.31
N GLN A 117 22.47 25.00 8.15
CA GLN A 117 22.45 24.56 9.54
C GLN A 117 21.21 23.71 9.84
N PRO A 118 21.38 22.67 10.67
CA PRO A 118 20.29 21.79 11.11
C PRO A 118 19.29 22.49 12.03
N ALA A 119 18.24 23.05 11.43
CA ALA A 119 17.27 23.85 12.18
C ALA A 119 16.06 23.06 12.68
N GLY A 120 16.01 21.76 12.39
CA GLY A 120 14.87 20.96 12.81
C GLY A 120 14.82 19.58 12.22
N VAL A 121 14.19 18.65 12.94
CA VAL A 121 14.11 17.27 12.53
C VAL A 121 12.64 16.78 12.59
N CYS A 122 12.26 15.92 11.65
CA CYS A 122 10.90 15.43 11.59
C CYS A 122 10.77 14.16 10.74
N ILE A 123 9.60 13.54 10.81
CA ILE A 123 9.31 12.37 10.02
C ILE A 123 8.51 12.85 8.82
N LEU A 124 8.89 12.42 7.63
CA LEU A 124 8.40 13.10 6.43
C LEU A 124 8.26 12.16 5.23
N GLU A 125 7.22 12.40 4.43
CA GLU A 125 6.95 11.64 3.23
C GLU A 125 5.89 12.35 2.43
N TYR A 126 5.67 11.88 1.21
CA TYR A 126 4.58 12.38 0.38
C TYR A 126 3.38 11.44 0.55
N ALA A 127 2.20 11.90 0.15
CA ALA A 127 1.03 11.05 0.04
C ALA A 127 1.13 10.28 -1.27
N THR A 128 1.65 9.07 -1.17
CA THR A 128 1.84 8.18 -2.31
C THR A 128 0.72 8.14 -3.36
N PRO A 129 -0.57 8.02 -2.94
CA PRO A 129 -1.56 7.79 -4.00
C PRO A 129 -1.72 8.94 -5.04
N LEU A 130 -1.00 10.05 -4.88
CA LEU A 130 -1.06 11.11 -5.88
C LEU A 130 -0.24 10.73 -7.12
N GLN A 131 0.69 9.79 -6.96
CA GLN A 131 1.33 9.23 -8.15
C GLN A 131 0.30 8.46 -8.96
N THR A 132 -0.57 7.72 -8.26
CA THR A 132 -1.65 6.97 -8.90
C THR A 132 -2.61 7.92 -9.62
N LEU A 133 -2.90 9.07 -9.03
CA LEU A 133 -3.83 10.04 -9.63
C LEU A 133 -3.26 10.65 -10.91
N PHE A 134 -1.99 11.04 -10.85
CA PHE A 134 -1.24 11.48 -12.01
C PHE A 134 -1.39 10.45 -13.13
N ALA A 135 -1.02 9.21 -12.83
CA ALA A 135 -1.06 8.11 -13.81
C ALA A 135 -2.42 7.98 -14.52
N MET A 136 -3.50 7.92 -13.75
CA MET A 136 -4.83 7.77 -14.32
C MET A 136 -5.08 8.90 -15.30
N SER A 137 -4.55 10.06 -14.95
CA SER A 137 -4.79 11.30 -15.66
C SER A 137 -4.10 11.35 -17.02
N GLN A 138 -3.01 10.62 -17.15
CA GLN A 138 -2.27 10.60 -18.41
C GLN A 138 -2.77 9.52 -19.36
N ASP A 139 -3.54 8.57 -18.84
CA ASP A 139 -4.07 7.49 -19.66
C ASP A 139 -4.88 8.02 -20.85
N ALA A 140 -4.70 7.38 -21.99
CA ALA A 140 -5.29 7.83 -23.24
C ALA A 140 -6.80 7.59 -23.26
N LYS A 141 -7.28 6.70 -22.39
CA LYS A 141 -8.71 6.41 -22.29
C LYS A 141 -9.36 6.75 -20.92
N ALA A 142 -8.58 6.72 -19.83
CA ALA A 142 -9.10 7.10 -18.52
C ALA A 142 -9.48 8.58 -18.52
N GLY A 143 -8.54 9.44 -18.93
CA GLY A 143 -8.87 10.82 -19.20
C GLY A 143 -8.27 11.83 -18.23
N PHE A 144 -9.14 12.61 -17.59
CA PHE A 144 -8.77 13.77 -16.76
C PHE A 144 -8.07 14.82 -17.62
N SER A 145 -7.99 16.03 -17.09
CA SER A 145 -7.05 17.03 -17.57
C SER A 145 -6.38 17.61 -16.33
N ARG A 146 -5.40 18.48 -16.52
CA ARG A 146 -4.72 19.13 -15.40
C ARG A 146 -5.76 19.69 -14.43
N GLU A 147 -6.83 20.27 -14.98
CA GLU A 147 -7.87 20.88 -14.16
C GLU A 147 -8.78 19.84 -13.50
N ASP A 148 -9.00 18.73 -14.19
CA ASP A 148 -9.78 17.65 -13.60
C ASP A 148 -8.95 16.98 -12.53
N ARG A 149 -7.66 16.81 -12.82
CA ARG A 149 -6.77 16.13 -11.88
C ARG A 149 -6.53 16.93 -10.61
N LEU A 150 -6.35 18.23 -10.77
CA LEU A 150 -6.20 19.11 -9.63
C LEU A 150 -7.50 19.08 -8.82
N GLU A 151 -8.62 18.98 -9.53
CA GLU A 151 -9.92 18.91 -8.87
C GLU A 151 -10.05 17.64 -8.05
N GLN A 152 -9.58 16.52 -8.59
CA GLN A 152 -9.60 15.26 -7.84
C GLN A 152 -8.57 15.23 -6.68
N ALA A 153 -7.45 15.91 -6.85
CA ALA A 153 -6.41 15.98 -5.82
C ALA A 153 -6.94 16.69 -4.58
N LYS A 154 -7.72 17.76 -4.78
CA LYS A 154 -8.28 18.52 -3.66
C LYS A 154 -9.31 17.71 -2.90
N LEU A 155 -10.09 16.93 -3.64
CA LEU A 155 -11.15 16.12 -3.05
C LEU A 155 -10.51 14.98 -2.25
N PHE A 156 -9.51 14.35 -2.84
CA PHE A 156 -8.65 13.40 -2.13
C PHE A 156 -8.30 14.00 -0.77
N CYS A 157 -7.76 15.21 -0.80
CA CYS A 157 -7.31 15.87 0.42
C CYS A 157 -8.49 16.19 1.36
N ARG A 158 -9.55 16.78 0.81
CA ARG A 158 -10.73 17.12 1.59
C ARG A 158 -11.35 15.89 2.24
N THR A 159 -11.48 14.82 1.47
CA THR A 159 -12.02 13.57 1.97
C THR A 159 -11.14 12.96 3.05
N LEU A 160 -9.82 13.09 2.90
CA LEU A 160 -8.94 12.55 3.91
C LEU A 160 -9.09 13.30 5.21
N GLU A 161 -9.18 14.63 5.15
CA GLU A 161 -9.34 15.43 6.35
C GLU A 161 -10.56 15.03 7.14
N GLU A 162 -11.69 14.89 6.45
CA GLU A 162 -12.97 14.68 7.13
C GLU A 162 -13.14 13.29 7.76
N ILE A 163 -12.40 12.30 7.26
CA ILE A 163 -12.28 10.99 7.92
C ILE A 163 -11.45 11.11 9.22
N LEU A 164 -10.38 11.87 9.13
CA LEU A 164 -9.45 12.06 10.24
C LEU A 164 -10.07 12.76 11.45
N GLU A 165 -11.22 13.40 11.24
CA GLU A 165 -11.91 14.12 12.31
C GLU A 165 -12.48 13.18 13.36
N ASP A 166 -13.04 12.07 12.89
CA ASP A 166 -13.72 11.11 13.74
C ASP A 166 -12.71 10.31 14.53
N VAL A 167 -11.45 10.65 14.35
CA VAL A 167 -10.34 9.96 14.97
C VAL A 167 -9.29 10.99 15.44
N PRO A 168 -9.49 11.57 16.63
CA PRO A 168 -8.60 12.59 17.21
C PRO A 168 -7.25 12.04 17.69
N GLU A 169 -6.91 10.86 17.20
CA GLU A 169 -5.57 10.33 17.35
C GLU A 169 -4.79 10.82 16.14
N SER A 170 -5.50 11.50 15.24
CA SER A 170 -4.90 12.07 14.05
C SER A 170 -4.03 13.27 14.35
N ARG A 171 -4.66 14.35 14.84
CA ARG A 171 -3.99 15.63 15.04
C ARG A 171 -2.76 15.56 15.94
N ASN A 172 -2.82 14.68 16.94
CA ASN A 172 -1.69 14.45 17.82
C ASN A 172 -0.55 13.81 17.05
N ASN A 173 -0.90 13.06 16.01
CA ASN A 173 0.05 12.18 15.36
C ASN A 173 0.43 12.56 13.94
N CYS A 174 -0.35 13.43 13.32
CA CYS A 174 -0.09 13.69 11.93
C CYS A 174 -0.57 15.05 11.42
N ARG A 175 0.24 15.66 10.57
CA ARG A 175 -0.11 16.93 9.92
C ARG A 175 -0.07 16.78 8.39
N LEU A 176 -1.11 17.32 7.76
CA LEU A 176 -1.12 17.38 6.31
C LEU A 176 -0.59 18.73 5.87
N ILE A 177 0.31 18.69 4.91
CA ILE A 177 0.89 19.88 4.33
C ILE A 177 0.52 19.93 2.85
N VAL A 178 -0.47 20.76 2.54
CA VAL A 178 -1.09 20.78 1.23
C VAL A 178 -0.63 22.02 0.47
N TYR A 179 -0.27 21.83 -0.80
CA TYR A 179 0.25 22.94 -1.58
C TYR A 179 0.13 22.73 -3.07
N GLN A 180 -0.15 23.83 -3.75
CA GLN A 180 -0.20 23.85 -5.21
C GLN A 180 0.90 24.78 -5.73
N GLU A 181 1.42 24.48 -6.91
CA GLU A 181 2.52 25.30 -7.44
C GLU A 181 2.19 25.92 -8.78
N PRO A 182 1.53 27.10 -8.76
CA PRO A 182 1.13 27.85 -9.94
C PRO A 182 2.31 28.59 -10.61
N PHE A 188 8.46 28.25 -4.54
CA PHE A 188 7.80 27.74 -3.32
C PHE A 188 8.69 26.77 -2.49
N SER A 189 9.20 27.27 -1.35
CA SER A 189 10.17 26.50 -0.56
C SER A 189 9.60 25.38 0.30
N LEU A 190 10.07 24.18 0.01
CA LEU A 190 9.60 22.97 0.66
C LEU A 190 10.20 22.82 2.05
N SER A 191 11.52 22.88 2.15
CA SER A 191 12.19 22.77 3.45
C SER A 191 11.75 23.90 4.39
N GLN A 192 11.37 25.03 3.83
CA GLN A 192 10.95 26.16 4.65
C GLN A 192 9.54 25.96 5.18
N GLU A 193 8.61 25.62 4.30
CA GLU A 193 7.22 25.36 4.70
C GLU A 193 7.12 24.19 5.69
N VAL A 194 8.05 23.25 5.61
CA VAL A 194 8.17 22.19 6.60
C VAL A 194 8.64 22.69 7.98
N LEU A 195 9.58 23.64 7.98
CA LEU A 195 10.02 24.26 9.22
C LEU A 195 8.90 25.07 9.85
N ARG A 196 8.02 25.60 9.02
CA ARG A 196 6.95 26.44 9.52
C ARG A 196 6.11 25.62 10.46
N HIS A 197 5.71 24.44 9.99
CA HIS A 197 4.85 23.54 10.76
C HIS A 197 5.55 22.94 11.96
N ILE A 198 6.82 22.58 11.80
CA ILE A 198 7.63 22.10 12.92
C ILE A 198 7.70 23.15 14.02
N ARG A 199 7.90 24.40 13.64
CA ARG A 199 7.97 25.50 14.61
C ARG A 199 6.63 25.88 15.21
N GLN A 200 5.53 25.55 14.52
CA GLN A 200 4.20 25.70 15.09
C GLN A 200 4.22 25.07 16.47
N GLU A 201 4.68 23.83 16.55
CA GLU A 201 4.90 23.19 17.84
C GLU A 201 6.38 23.11 18.21
N ASN B 19 -15.24 7.39 -10.14
CA ASN B 19 -14.75 6.04 -10.41
C ASN B 19 -13.96 5.39 -9.24
N VAL B 20 -14.64 4.83 -8.24
CA VAL B 20 -13.93 4.26 -7.07
C VAL B 20 -13.12 3.01 -7.38
N ALA B 21 -13.71 2.07 -8.09
CA ALA B 21 -13.01 0.85 -8.50
C ALA B 21 -11.84 1.17 -9.42
N HIS B 22 -12.00 2.21 -10.24
CA HIS B 22 -10.96 2.60 -11.18
C HIS B 22 -9.74 3.12 -10.52
N GLY B 23 -9.92 3.94 -9.47
CA GLY B 23 -8.79 4.48 -8.74
C GLY B 23 -8.04 3.36 -8.04
N LEU B 24 -8.84 2.42 -7.52
CA LEU B 24 -8.32 1.23 -6.85
C LEU B 24 -7.56 0.29 -7.79
N ALA B 25 -8.10 0.02 -8.99
CA ALA B 25 -7.37 -0.81 -9.95
C ALA B 25 -6.04 -0.15 -10.43
N TRP B 26 -6.02 1.18 -10.45
CA TRP B 26 -4.83 1.89 -10.90
C TRP B 26 -3.83 1.92 -9.77
N SER B 27 -4.36 1.99 -8.56
CA SER B 27 -3.54 1.96 -7.37
C SER B 27 -2.75 0.66 -7.20
N TYR B 28 -3.42 -0.49 -7.35
CA TYR B 28 -2.80 -1.81 -7.21
C TYR B 28 -1.71 -2.05 -8.24
N TYR B 29 -1.89 -1.47 -9.42
CA TYR B 29 -0.89 -1.58 -10.45
C TYR B 29 0.24 -0.56 -10.29
N ILE B 30 -0.08 0.72 -10.48
CA ILE B 30 0.89 1.81 -10.39
C ILE B 30 1.71 1.77 -9.11
N GLY B 31 1.10 1.27 -8.04
CA GLY B 31 1.69 1.31 -6.72
C GLY B 31 2.14 -0.04 -6.20
N TYR B 32 2.09 -1.05 -7.06
CA TYR B 32 2.50 -2.38 -6.64
C TYR B 32 3.01 -3.25 -7.80
N LEU B 33 2.12 -3.63 -8.71
CA LEU B 33 2.48 -4.57 -9.78
C LEU B 33 3.48 -3.98 -10.75
N ARG B 34 3.41 -2.67 -10.95
CA ARG B 34 4.39 -1.98 -11.78
C ARG B 34 5.73 -2.22 -11.12
N LEU B 35 5.75 -1.98 -9.81
CA LEU B 35 6.96 -2.04 -8.99
C LEU B 35 7.57 -3.44 -8.85
N ILE B 36 6.78 -4.42 -8.41
CA ILE B 36 7.33 -5.70 -7.96
C ILE B 36 7.37 -6.85 -8.95
N LEU B 37 6.44 -6.88 -9.90
CA LEU B 37 6.46 -7.91 -10.94
C LEU B 37 7.77 -8.05 -11.70
N PRO B 38 8.48 -6.93 -11.97
CA PRO B 38 9.72 -7.14 -12.71
C PRO B 38 10.78 -7.86 -11.90
N GLY B 39 10.87 -7.57 -10.60
CA GLY B 39 11.91 -8.15 -9.78
C GLY B 39 11.55 -9.45 -9.11
N LEU B 40 10.35 -9.93 -9.41
CA LEU B 40 9.84 -11.16 -8.82
C LEU B 40 10.73 -12.42 -9.01
N GLN B 41 11.17 -12.70 -10.25
CA GLN B 41 11.91 -13.93 -10.53
C GLN B 41 13.30 -13.96 -9.91
N ALA B 42 13.92 -12.80 -9.74
CA ALA B 42 15.22 -12.76 -9.09
C ALA B 42 15.10 -13.18 -7.64
N ARG B 43 14.07 -12.67 -6.98
CA ARG B 43 13.78 -13.04 -5.60
C ARG B 43 13.38 -14.51 -5.42
N ILE B 44 12.62 -15.04 -6.38
CA ILE B 44 12.27 -16.45 -6.33
C ILE B 44 13.52 -17.35 -6.41
N ARG B 45 14.36 -17.13 -7.42
CA ARG B 45 15.58 -17.93 -7.60
C ARG B 45 16.50 -17.89 -6.39
N MET B 46 16.46 -16.79 -5.66
CA MET B 46 17.21 -16.63 -4.43
C MET B 46 16.55 -17.46 -3.34
N PHE B 47 15.22 -17.33 -3.26
CA PHE B 47 14.43 -18.14 -2.33
C PHE B 47 14.72 -19.62 -2.53
N ASN B 48 14.82 -20.05 -3.79
CA ASN B 48 15.13 -21.44 -4.08
C ASN B 48 16.51 -21.87 -3.61
N GLN B 49 17.47 -20.95 -3.65
CA GLN B 49 18.82 -21.32 -3.27
C GLN B 49 18.93 -21.36 -1.74
N LEU B 50 17.98 -20.76 -1.05
CA LEU B 50 18.03 -20.76 0.39
C LEU B 50 17.07 -21.76 0.98
N HIS B 51 16.26 -22.37 0.13
CA HIS B 51 15.25 -23.29 0.60
C HIS B 51 15.12 -24.53 -0.26
N ASN B 52 16.27 -25.04 -0.67
CA ASN B 52 16.36 -26.37 -1.25
C ASN B 52 15.49 -26.54 -2.48
N ASN B 53 15.38 -25.48 -3.28
CA ASN B 53 14.70 -25.51 -4.56
C ASN B 53 13.23 -25.84 -4.44
N MET B 54 12.59 -25.25 -3.44
CA MET B 54 11.17 -25.49 -3.17
C MET B 54 10.26 -25.15 -4.34
N LEU B 55 10.34 -23.89 -4.81
CA LEU B 55 9.50 -23.46 -5.95
C LEU B 55 10.04 -24.00 -7.27
N SER B 56 9.91 -25.32 -7.43
CA SER B 56 10.48 -26.01 -8.56
C SER B 56 9.69 -25.80 -9.85
N GLY B 57 8.37 -25.96 -9.78
CA GLY B 57 7.52 -25.89 -10.97
C GLY B 57 7.26 -24.50 -11.52
N ALA B 58 6.94 -24.41 -12.80
CA ALA B 58 6.60 -23.12 -13.39
C ALA B 58 5.35 -22.54 -12.71
N GLY B 59 4.43 -23.42 -12.31
CA GLY B 59 3.23 -22.97 -11.63
C GLY B 59 3.48 -22.46 -10.22
N SER B 60 4.70 -22.67 -9.71
CA SER B 60 5.04 -22.24 -8.36
C SER B 60 5.76 -20.89 -8.38
N ARG B 61 6.38 -20.59 -9.52
CA ARG B 61 7.10 -19.35 -9.70
C ARG B 61 6.18 -18.21 -10.12
N ARG B 62 4.96 -18.18 -9.59
CA ARG B 62 4.05 -17.08 -9.86
C ARG B 62 3.47 -16.47 -8.60
N LEU B 63 3.04 -15.21 -8.72
CA LEU B 63 2.32 -14.55 -7.64
C LEU B 63 0.83 -14.72 -7.81
N TYR B 64 0.24 -15.54 -6.95
CA TYR B 64 -1.19 -15.80 -6.97
C TYR B 64 -1.91 -14.87 -6.03
N ILE B 65 -2.81 -14.07 -6.61
CA ILE B 65 -3.55 -13.05 -5.89
C ILE B 65 -5.04 -13.37 -5.78
N LEU B 66 -5.52 -13.52 -4.55
CA LEU B 66 -6.91 -13.88 -4.33
C LEU B 66 -7.82 -12.67 -4.44
N PHE B 67 -8.88 -12.86 -5.23
CA PHE B 67 -9.86 -11.83 -5.47
C PHE B 67 -11.28 -12.22 -5.04
N PRO B 68 -11.55 -12.20 -3.73
CA PRO B 68 -12.93 -12.45 -3.26
C PRO B 68 -13.88 -11.30 -3.60
N LEU B 69 -14.86 -11.54 -4.46
CA LEU B 69 -15.78 -10.48 -4.88
C LEU B 69 -16.68 -10.01 -3.74
N ASP B 70 -16.74 -10.84 -2.70
CA ASP B 70 -17.43 -10.52 -1.45
C ASP B 70 -16.65 -9.48 -0.61
N CYS B 71 -15.41 -9.21 -0.99
CA CYS B 71 -14.55 -8.22 -0.30
C CYS B 71 -14.30 -8.52 1.17
N GLY B 72 -14.62 -9.74 1.60
CA GLY B 72 -14.22 -10.19 2.90
C GLY B 72 -12.81 -10.70 2.75
N VAL B 73 -11.87 -9.92 3.26
CA VAL B 73 -10.44 -10.23 3.17
C VAL B 73 -9.82 -10.25 4.56
N PRO B 74 -9.73 -11.44 5.17
CA PRO B 74 -9.08 -11.67 6.46
C PRO B 74 -7.59 -11.49 6.32
N ASP B 75 -6.89 -11.29 7.42
CA ASP B 75 -5.44 -11.18 7.38
C ASP B 75 -4.70 -12.52 7.34
N ASN B 76 -5.28 -13.57 7.94
CA ASN B 76 -4.59 -14.87 7.99
C ASN B 76 -5.21 -16.00 7.18
N LEU B 77 -4.45 -16.53 6.22
CA LEU B 77 -4.98 -17.50 5.27
C LEU B 77 -5.31 -18.86 5.88
N SER B 78 -4.34 -19.44 6.59
CA SER B 78 -4.49 -20.78 7.18
C SER B 78 -5.79 -20.91 7.96
N VAL B 79 -6.23 -19.81 8.57
CA VAL B 79 -7.51 -19.80 9.28
C VAL B 79 -8.70 -19.95 8.33
N VAL B 80 -8.67 -19.22 7.22
CA VAL B 80 -9.77 -19.20 6.26
C VAL B 80 -9.84 -20.50 5.45
N ASP B 81 -8.71 -21.19 5.35
CA ASP B 81 -8.72 -22.52 4.78
C ASP B 81 -7.55 -23.28 5.36
N PRO B 82 -7.85 -24.26 6.22
CA PRO B 82 -6.82 -25.00 6.97
C PRO B 82 -5.76 -25.59 6.07
N ASN B 83 -6.10 -25.86 4.81
CA ASN B 83 -5.18 -26.48 3.86
C ASN B 83 -4.16 -25.54 3.18
N ILE B 84 -4.16 -24.27 3.59
CA ILE B 84 -3.23 -23.30 3.04
C ILE B 84 -2.23 -22.97 4.16
N ARG B 85 -1.03 -23.54 4.10
CA ARG B 85 -0.08 -23.42 5.21
C ARG B 85 1.14 -22.53 4.94
N PHE B 86 1.38 -21.59 5.84
CA PHE B 86 2.54 -20.73 5.71
C PHE B 86 3.85 -21.51 5.81
N ARG B 87 4.70 -21.36 4.79
CA ARG B 87 6.01 -21.99 4.78
C ARG B 87 7.12 -21.00 5.12
N ASP B 88 7.41 -20.09 4.18
CA ASP B 88 8.39 -19.04 4.43
C ASP B 88 8.10 -17.78 3.65
N MET B 89 9.10 -16.91 3.58
CA MET B 89 9.01 -15.64 2.88
C MET B 89 10.11 -15.51 1.84
N LEU B 90 9.73 -14.89 0.71
CA LEU B 90 10.71 -14.42 -0.27
C LEU B 90 11.62 -13.33 0.32
N PRO B 91 12.80 -13.13 -0.28
CA PRO B 91 13.62 -11.98 0.12
C PRO B 91 12.85 -10.68 -0.10
N GLN B 92 13.04 -9.71 0.80
CA GLN B 92 12.39 -8.41 0.67
C GLN B 92 13.03 -7.52 -0.42
N GLN B 93 12.21 -6.70 -1.06
CA GLN B 93 12.73 -5.72 -2.00
C GLN B 93 12.53 -4.30 -1.45
N ASN B 94 13.63 -3.55 -1.38
CA ASN B 94 13.61 -2.22 -0.82
C ASN B 94 13.63 -1.11 -1.88
N ILE B 95 12.69 -0.17 -1.79
CA ILE B 95 12.66 0.93 -2.73
C ILE B 95 12.39 2.26 -2.03
N ASP B 96 13.14 3.29 -2.43
CA ASP B 96 12.81 4.64 -2.00
C ASP B 96 11.53 5.02 -2.73
N ARG B 97 10.53 5.47 -1.97
CA ARG B 97 9.20 5.65 -2.55
C ARG B 97 8.52 6.86 -1.92
N ALA B 98 8.36 7.93 -2.70
CA ALA B 98 7.61 9.10 -2.25
C ALA B 98 8.11 9.61 -0.90
N GLY B 99 9.43 9.58 -0.70
CA GLY B 99 10.01 10.09 0.53
C GLY B 99 10.47 9.03 1.52
N ILE B 100 9.77 7.90 1.55
CA ILE B 100 10.17 6.81 2.42
C ILE B 100 11.39 6.08 1.85
N LYS B 101 12.44 6.01 2.67
CA LYS B 101 13.66 5.36 2.23
C LYS B 101 13.48 3.87 2.45
N ASN B 102 13.86 3.07 1.46
CA ASN B 102 13.77 1.62 1.56
C ASN B 102 12.42 1.19 2.06
N ARG B 103 11.39 1.57 1.32
CA ARG B 103 10.08 1.06 1.60
C ARG B 103 10.12 -0.41 1.18
N VAL B 104 9.55 -1.26 2.02
CA VAL B 104 9.72 -2.70 1.86
C VAL B 104 8.54 -3.38 1.20
N TYR B 105 8.87 -4.18 0.18
CA TYR B 105 7.90 -4.99 -0.54
C TYR B 105 8.18 -6.45 -0.22
N SER B 106 7.26 -7.06 0.54
CA SER B 106 7.43 -8.42 1.04
C SER B 106 6.37 -9.39 0.49
N ASN B 107 6.78 -10.58 0.08
CA ASN B 107 5.82 -11.63 -0.29
C ASN B 107 6.03 -12.97 0.40
N SER B 108 4.92 -13.64 0.69
CA SER B 108 4.89 -14.90 1.45
C SER B 108 4.58 -16.14 0.60
N VAL B 109 5.19 -17.28 0.98
CA VAL B 109 5.05 -18.54 0.26
C VAL B 109 4.19 -19.56 1.05
N TYR B 110 3.41 -20.35 0.33
CA TYR B 110 2.44 -21.24 0.98
C TYR B 110 2.42 -22.66 0.43
N GLU B 111 2.30 -23.64 1.33
CA GLU B 111 1.94 -25.00 0.94
C GLU B 111 0.43 -25.08 0.84
N ILE B 112 -0.05 -25.79 -0.16
CA ILE B 112 -1.49 -26.03 -0.26
C ILE B 112 -1.72 -27.50 -0.01
N LEU B 113 -2.46 -27.80 1.06
CA LEU B 113 -2.71 -29.18 1.48
C LEU B 113 -3.95 -29.85 0.87
N GLU B 114 -3.96 -31.18 0.93
CA GLU B 114 -5.06 -32.00 0.42
C GLU B 114 -5.13 -33.26 1.29
N ASN B 115 -6.03 -33.25 2.28
CA ASN B 115 -6.05 -34.25 3.38
C ASN B 115 -4.64 -34.58 3.87
N GLY B 116 -3.89 -33.53 4.21
CA GLY B 116 -2.60 -33.68 4.84
C GLY B 116 -1.44 -33.93 3.89
N GLN B 117 -1.75 -34.17 2.62
CA GLN B 117 -0.70 -34.33 1.62
C GLN B 117 -0.38 -33.02 0.87
N PRO B 118 0.91 -32.63 0.85
CA PRO B 118 1.35 -31.42 0.15
C PRO B 118 1.04 -31.50 -1.34
N ALA B 119 0.09 -30.69 -1.79
CA ALA B 119 -0.42 -30.74 -3.16
C ALA B 119 0.30 -29.76 -4.08
N GLY B 120 0.43 -28.52 -3.64
CA GLY B 120 1.20 -27.55 -4.38
C GLY B 120 1.83 -26.53 -3.46
N VAL B 121 2.72 -25.71 -4.02
CA VAL B 121 3.41 -24.69 -3.25
C VAL B 121 3.57 -23.45 -4.11
N CYS B 122 3.15 -22.30 -3.60
CA CYS B 122 3.15 -21.06 -4.40
C CYS B 122 3.34 -19.78 -3.58
N ILE B 123 3.39 -18.64 -4.28
CA ILE B 123 3.36 -17.35 -3.61
C ILE B 123 1.91 -16.89 -3.65
N LEU B 124 1.42 -16.39 -2.52
CA LEU B 124 -0.01 -16.23 -2.36
C LEU B 124 -0.31 -15.04 -1.45
N GLU B 125 -1.29 -14.24 -1.86
CA GLU B 125 -1.82 -13.15 -1.04
C GLU B 125 -3.18 -12.74 -1.57
N TYR B 126 -3.89 -11.91 -0.80
CA TYR B 126 -5.10 -11.25 -1.25
C TYR B 126 -4.75 -9.92 -1.92
N ALA B 127 -5.73 -9.39 -2.66
CA ALA B 127 -5.71 -8.04 -3.18
C ALA B 127 -6.20 -7.06 -2.08
N THR B 128 -5.24 -6.51 -1.35
CA THR B 128 -5.48 -5.64 -0.19
C THR B 128 -6.61 -4.60 -0.33
N PRO B 129 -6.68 -3.86 -1.46
CA PRO B 129 -7.72 -2.84 -1.62
C PRO B 129 -9.14 -3.37 -1.50
N LEU B 130 -9.35 -4.68 -1.62
CA LEU B 130 -10.70 -5.20 -1.39
C LEU B 130 -11.14 -4.88 0.03
N GLN B 131 -10.20 -4.93 0.97
CA GLN B 131 -10.49 -4.52 2.35
C GLN B 131 -11.02 -3.08 2.40
N THR B 132 -10.47 -2.22 1.53
CA THR B 132 -10.93 -0.83 1.41
C THR B 132 -12.38 -0.69 0.95
N LEU B 133 -12.80 -1.42 -0.09
CA LEU B 133 -14.20 -1.37 -0.51
C LEU B 133 -15.15 -1.81 0.61
N PHE B 134 -14.73 -2.84 1.35
CA PHE B 134 -15.50 -3.42 2.43
C PHE B 134 -15.90 -2.35 3.44
N ALA B 135 -14.91 -1.78 4.11
CA ALA B 135 -15.15 -0.78 5.14
C ALA B 135 -15.82 0.48 4.57
N MET B 136 -15.58 0.77 3.30
CA MET B 136 -16.19 1.94 2.67
C MET B 136 -17.68 1.72 2.67
N SER B 137 -18.08 0.53 2.21
CA SER B 137 -19.49 0.16 2.21
C SER B 137 -20.13 0.22 3.61
N GLN B 138 -19.42 -0.30 4.62
CA GLN B 138 -19.88 -0.27 6.02
C GLN B 138 -19.99 1.15 6.59
N ASP B 139 -19.19 2.08 6.07
CA ASP B 139 -19.19 3.43 6.65
C ASP B 139 -20.55 4.10 6.52
N ALA B 140 -20.98 4.76 7.58
CA ALA B 140 -22.32 5.34 7.67
C ALA B 140 -22.61 6.37 6.58
N LYS B 141 -21.60 7.16 6.22
CA LYS B 141 -21.79 8.26 5.28
C LYS B 141 -21.25 7.95 3.89
N ALA B 142 -20.15 7.21 3.82
CA ALA B 142 -19.61 6.74 2.54
C ALA B 142 -20.58 5.77 1.86
N GLY B 143 -21.39 5.09 2.69
CA GLY B 143 -22.56 4.35 2.23
C GLY B 143 -22.39 3.16 1.30
N PHE B 144 -23.20 3.14 0.25
CA PHE B 144 -23.38 2.04 -0.70
C PHE B 144 -23.54 0.59 -0.20
N SER B 145 -24.45 -0.13 -0.86
CA SER B 145 -24.92 -1.45 -0.45
C SER B 145 -24.03 -2.61 -0.89
N ARG B 146 -24.52 -3.83 -0.66
CA ARG B 146 -23.77 -5.03 -0.98
C ARG B 146 -23.82 -5.32 -2.46
N GLU B 147 -24.85 -4.81 -3.11
CA GLU B 147 -24.95 -4.93 -4.55
C GLU B 147 -24.01 -3.94 -5.21
N ASP B 148 -23.76 -2.80 -4.56
CA ASP B 148 -22.92 -1.77 -5.15
C ASP B 148 -21.46 -2.12 -4.96
N ARG B 149 -21.12 -2.68 -3.80
CA ARG B 149 -19.77 -3.15 -3.54
C ARG B 149 -19.36 -4.30 -4.47
N LEU B 150 -20.27 -5.25 -4.67
CA LEU B 150 -20.06 -6.35 -5.60
C LEU B 150 -19.78 -5.82 -7.01
N GLU B 151 -20.58 -4.83 -7.41
CA GLU B 151 -20.45 -4.20 -8.71
C GLU B 151 -19.09 -3.52 -8.86
N GLN B 152 -18.64 -2.88 -7.79
CA GLN B 152 -17.34 -2.22 -7.77
C GLN B 152 -16.18 -3.21 -7.72
N ALA B 153 -16.35 -4.33 -7.03
CA ALA B 153 -15.30 -5.35 -6.95
C ALA B 153 -15.08 -5.95 -8.33
N LYS B 154 -16.17 -6.21 -9.03
CA LYS B 154 -16.07 -6.76 -10.38
C LYS B 154 -15.30 -5.83 -11.29
N LEU B 155 -15.60 -4.54 -11.13
CA LEU B 155 -15.09 -3.49 -12.01
C LEU B 155 -13.59 -3.27 -11.79
N PHE B 156 -13.20 -3.22 -10.52
CA PHE B 156 -11.81 -3.39 -10.07
C PHE B 156 -11.07 -4.48 -10.87
N CYS B 157 -11.58 -5.72 -10.86
CA CYS B 157 -10.88 -6.81 -11.54
C CYS B 157 -10.78 -6.54 -13.02
N ARG B 158 -11.87 -6.03 -13.59
CA ARG B 158 -11.97 -5.86 -15.03
C ARG B 158 -11.01 -4.78 -15.45
N THR B 159 -10.98 -3.70 -14.68
CA THR B 159 -10.13 -2.55 -14.99
C THR B 159 -8.69 -2.97 -14.84
N LEU B 160 -8.41 -3.69 -13.75
CA LEU B 160 -7.09 -4.24 -13.49
C LEU B 160 -6.61 -5.07 -14.68
N GLU B 161 -7.41 -6.04 -15.09
CA GLU B 161 -7.04 -6.94 -16.18
C GLU B 161 -6.81 -6.22 -17.52
N GLU B 162 -7.54 -5.15 -17.78
CA GLU B 162 -7.30 -4.45 -19.05
C GLU B 162 -6.07 -3.55 -19.01
N ILE B 163 -5.85 -2.87 -17.89
CA ILE B 163 -4.56 -2.22 -17.62
C ILE B 163 -3.37 -3.14 -17.94
N LEU B 164 -3.44 -4.38 -17.44
CA LEU B 164 -2.36 -5.36 -17.53
C LEU B 164 -2.06 -5.89 -18.93
N GLU B 165 -2.88 -5.53 -19.92
CA GLU B 165 -2.69 -6.04 -21.27
C GLU B 165 -1.45 -5.45 -21.87
N ASP B 166 -1.16 -4.22 -21.46
CA ASP B 166 -0.03 -3.48 -21.96
C ASP B 166 1.24 -3.87 -21.20
N VAL B 167 1.12 -4.87 -20.33
CA VAL B 167 2.24 -5.33 -19.51
C VAL B 167 2.47 -6.83 -19.71
N PRO B 168 3.11 -7.22 -20.82
CA PRO B 168 3.23 -8.64 -21.16
C PRO B 168 4.06 -9.48 -20.19
N GLU B 169 4.87 -8.82 -19.37
CA GLU B 169 5.63 -9.52 -18.34
C GLU B 169 4.68 -10.18 -17.37
N SER B 170 3.63 -9.44 -17.01
CA SER B 170 2.70 -9.78 -15.93
C SER B 170 2.13 -11.19 -15.97
N ARG B 171 1.65 -11.62 -17.14
CA ARG B 171 1.03 -12.93 -17.29
C ARG B 171 2.00 -14.06 -16.96
N ASN B 172 3.29 -13.81 -17.13
CA ASN B 172 4.36 -14.74 -16.76
C ASN B 172 4.75 -14.64 -15.29
N ASN B 173 4.06 -13.79 -14.54
CA ASN B 173 4.48 -13.49 -13.19
C ASN B 173 3.34 -13.51 -12.17
N CYS B 174 2.15 -13.09 -12.56
CA CYS B 174 1.05 -13.13 -11.62
C CYS B 174 -0.25 -13.66 -12.21
N ARG B 175 -1.06 -14.27 -11.35
CA ARG B 175 -2.35 -14.87 -11.72
C ARG B 175 -3.39 -14.34 -10.77
N LEU B 176 -4.42 -13.70 -11.34
CA LEU B 176 -5.57 -13.22 -10.56
C LEU B 176 -6.57 -14.34 -10.45
N ILE B 177 -7.01 -14.57 -9.22
CA ILE B 177 -7.91 -15.64 -8.87
C ILE B 177 -9.19 -14.99 -8.34
N VAL B 178 -10.18 -14.86 -9.23
CA VAL B 178 -11.44 -14.19 -8.90
C VAL B 178 -12.53 -15.20 -8.58
N TYR B 179 -13.26 -14.95 -7.50
CA TYR B 179 -14.32 -15.86 -7.12
C TYR B 179 -15.27 -15.17 -6.15
N GLN B 180 -16.52 -15.60 -6.17
CA GLN B 180 -17.47 -15.15 -5.18
C GLN B 180 -17.67 -16.36 -4.29
N GLU B 181 -17.86 -16.12 -3.00
CA GLU B 181 -18.16 -17.23 -2.09
C GLU B 181 -19.66 -17.51 -2.02
N PRO B 182 -20.03 -18.77 -1.84
CA PRO B 182 -21.44 -19.19 -1.78
C PRO B 182 -22.27 -18.66 -0.59
N THR B 183 -23.48 -18.21 -0.91
CA THR B 183 -24.49 -17.86 0.09
C THR B 183 -25.71 -18.77 -0.09
N ASP B 184 -25.56 -19.75 -0.98
CA ASP B 184 -26.65 -20.64 -1.37
C ASP B 184 -26.52 -22.05 -0.78
N GLY B 185 -25.39 -22.31 -0.12
CA GLY B 185 -25.22 -23.57 0.60
C GLY B 185 -24.29 -24.50 -0.15
N ASN B 186 -23.95 -24.11 -1.37
CA ASN B 186 -23.09 -24.91 -2.23
C ASN B 186 -21.70 -25.02 -1.62
N SER B 187 -20.93 -25.97 -2.11
CA SER B 187 -19.58 -26.18 -1.61
C SER B 187 -18.55 -25.46 -2.48
N PHE B 188 -17.60 -24.81 -1.81
CA PHE B 188 -16.47 -24.17 -2.48
C PHE B 188 -15.21 -24.29 -1.64
N SER B 189 -14.19 -24.91 -2.23
CA SER B 189 -12.93 -25.10 -1.57
C SER B 189 -11.90 -24.15 -2.16
N LEU B 190 -11.48 -23.16 -1.36
CA LEU B 190 -10.44 -22.21 -1.75
C LEU B 190 -9.11 -22.85 -2.12
N SER B 191 -8.61 -23.72 -1.24
CA SER B 191 -7.36 -24.43 -1.49
C SER B 191 -7.40 -25.21 -2.81
N GLN B 192 -8.57 -25.75 -3.14
CA GLN B 192 -8.76 -26.45 -4.40
C GLN B 192 -8.58 -25.50 -5.57
N GLU B 193 -9.19 -24.32 -5.43
CA GLU B 193 -9.21 -23.30 -6.46
C GLU B 193 -7.79 -22.85 -6.84
N VAL B 194 -6.96 -22.68 -5.80
CA VAL B 194 -5.56 -22.29 -5.94
C VAL B 194 -4.76 -23.38 -6.64
N LEU B 195 -5.03 -24.63 -6.27
CA LEU B 195 -4.41 -25.76 -6.93
C LEU B 195 -4.71 -25.78 -8.42
N ARG B 196 -5.97 -25.48 -8.77
CA ARG B 196 -6.37 -25.52 -10.16
C ARG B 196 -5.54 -24.53 -10.96
N HIS B 197 -5.42 -23.34 -10.39
CA HIS B 197 -4.63 -22.26 -10.98
C HIS B 197 -3.17 -22.60 -11.09
N ILE B 198 -2.60 -23.10 -10.00
CA ILE B 198 -1.23 -23.60 -10.01
C ILE B 198 -1.06 -24.65 -11.10
N ARG B 199 -2.03 -25.55 -11.21
CA ARG B 199 -1.94 -26.67 -12.13
C ARG B 199 -1.94 -26.25 -13.59
N GLN B 200 -2.34 -25.01 -13.86
CA GLN B 200 -2.21 -24.45 -15.19
C GLN B 200 -0.75 -24.31 -15.59
#